data_5KEF
#
_entry.id   5KEF
#
_cell.length_a   91.867
_cell.length_b   92.611
_cell.length_c   95.259
_cell.angle_alpha   90.00
_cell.angle_beta   90.00
_cell.angle_gamma   90.00
#
_symmetry.space_group_name_H-M   'I 2 2 2'
#
loop_
_entity.id
_entity.type
_entity.pdbx_description
1 polymer 'PhnB protein'
2 non-polymer 'ZINC ION'
3 non-polymer 'ACETATE ION'
4 water water
#
_entity_poly.entity_id   1
_entity_poly.type   'polypeptide(L)'
_entity_poly.pdbx_seq_one_letter_code
;MVFYMTALFPYIAFENSKEALAYYEEVFGATDVKRLEVGEEQASHFGMTKEEAQEATMHAEFEVLGVKVLCSDSFGRADK
INNGISLLIDYDVNNKEDADKVEAFYEQIKDHSSIEIELPFADQFWGGKMGVFTDKYGVRWMLHGQDYTAIQQ
;
_entity_poly.pdbx_strand_id   A,B
#
# COMPACT_ATOMS: atom_id res chain seq x y z
N MET A 5 4.44 -0.02 -16.86
CA MET A 5 3.26 0.80 -17.16
C MET A 5 2.40 1.07 -15.88
N THR A 6 1.36 0.23 -15.59
CA THR A 6 0.52 0.34 -14.38
C THR A 6 1.32 -0.05 -13.11
N ALA A 7 1.25 0.77 -12.06
CA ALA A 7 1.94 0.52 -10.79
C ALA A 7 1.02 0.87 -9.60
N LEU A 8 1.18 0.19 -8.49
CA LEU A 8 0.41 0.47 -7.28
C LEU A 8 1.37 1.15 -6.31
N PHE A 9 0.89 2.19 -5.62
CA PHE A 9 1.63 2.93 -4.61
C PHE A 9 0.82 3.07 -3.35
N PRO A 10 1.35 2.84 -2.13
CA PRO A 10 0.54 3.15 -0.95
C PRO A 10 0.54 4.68 -0.87
N TYR A 11 -0.54 5.24 -0.36
CA TYR A 11 -0.66 6.66 -0.23
C TYR A 11 -1.01 6.86 1.25
N ILE A 12 -0.06 7.39 2.01
CA ILE A 12 -0.24 7.51 3.45
C ILE A 12 -0.69 8.90 3.89
N ALA A 13 -1.69 8.96 4.78
CA ALA A 13 -2.10 10.23 5.31
C ALA A 13 -1.44 10.41 6.68
N PHE A 14 -0.37 11.18 6.72
CA PHE A 14 0.34 11.50 7.96
C PHE A 14 -0.30 12.73 8.60
N GLU A 15 -0.13 12.88 9.92
CA GLU A 15 -0.62 14.07 10.64
C GLU A 15 0.24 15.24 10.17
N ASN A 16 1.56 15.01 10.05
CA ASN A 16 2.54 15.95 9.53
C ASN A 16 3.53 15.20 8.70
N SER A 17 3.41 15.32 7.40
CA SER A 17 4.30 14.67 6.46
C SER A 17 5.71 15.23 6.49
N LYS A 18 5.88 16.53 6.86
CA LYS A 18 7.21 17.16 6.91
C LYS A 18 8.11 16.44 7.91
N GLU A 19 7.58 16.22 9.14
CA GLU A 19 8.20 15.47 10.23
C GLU A 19 8.41 14.01 9.79
N ALA A 20 7.32 13.35 9.28
CA ALA A 20 7.38 11.94 8.87
C ALA A 20 8.48 11.71 7.82
N LEU A 21 8.60 12.61 6.85
CA LEU A 21 9.64 12.47 5.81
C LEU A 21 11.06 12.54 6.35
N ALA A 22 11.29 13.41 7.38
CA ALA A 22 12.59 13.58 8.05
C ALA A 22 12.91 12.30 8.84
N TYR A 23 11.88 11.79 9.55
CA TYR A 23 11.96 10.51 10.23
C TYR A 23 12.41 9.36 9.29
N TYR A 24 11.76 9.18 8.11
CA TYR A 24 12.12 8.12 7.18
C TYR A 24 13.49 8.31 6.58
N GLU A 25 13.88 9.56 6.38
CA GLU A 25 15.21 9.89 5.84
C GLU A 25 16.32 9.47 6.81
N GLU A 26 16.09 9.71 8.12
CA GLU A 26 17.02 9.44 9.22
C GLU A 26 17.01 7.99 9.67
N VAL A 27 15.83 7.44 10.09
CA VAL A 27 15.66 6.07 10.60
C VAL A 27 15.64 5.00 9.49
N PHE A 28 15.00 5.25 8.32
CA PHE A 28 14.91 4.21 7.28
C PHE A 28 15.94 4.33 6.14
N GLY A 29 16.70 5.43 6.13
CA GLY A 29 17.63 5.70 5.03
C GLY A 29 16.89 6.04 3.74
N ALA A 30 15.65 6.62 3.84
CA ALA A 30 14.83 7.04 2.68
C ALA A 30 15.57 8.01 1.78
N THR A 31 15.52 7.76 0.49
CA THR A 31 16.15 8.60 -0.53
C THR A 31 15.06 9.21 -1.46
N ASP A 32 15.49 10.02 -2.45
CA ASP A 32 14.65 10.70 -3.45
C ASP A 32 13.39 11.35 -2.84
N VAL A 33 13.54 11.99 -1.67
CA VAL A 33 12.47 12.68 -0.95
C VAL A 33 12.07 13.96 -1.73
N LYS A 34 10.78 14.05 -2.10
CA LYS A 34 10.18 15.16 -2.83
C LYS A 34 8.99 15.57 -1.98
N ARG A 35 8.84 16.86 -1.77
CA ARG A 35 7.80 17.37 -0.93
C ARG A 35 7.25 18.67 -1.49
N LEU A 36 5.93 18.72 -1.71
CA LEU A 36 5.23 19.89 -2.18
C LEU A 36 4.46 20.43 -1.03
N GLU A 37 4.91 21.58 -0.51
CA GLU A 37 4.30 22.29 0.60
C GLU A 37 3.07 23.07 0.14
N VAL A 38 2.25 23.52 1.09
CA VAL A 38 1.12 24.40 0.80
C VAL A 38 1.79 25.78 0.57
N GLY A 39 1.62 26.33 -0.63
CA GLY A 39 2.20 27.62 -1.00
C GLY A 39 1.66 28.78 -0.18
N GLU A 40 2.47 29.87 -0.03
CA GLU A 40 2.09 31.11 0.70
C GLU A 40 0.73 31.65 0.19
N GLU A 41 0.53 31.65 -1.15
CA GLU A 41 -0.73 32.05 -1.78
C GLU A 41 -1.87 31.08 -1.37
N GLN A 42 -1.61 29.75 -1.42
CA GLN A 42 -2.57 28.69 -1.08
C GLN A 42 -3.01 28.70 0.38
N ALA A 43 -2.18 29.25 1.29
CA ALA A 43 -2.46 29.37 2.73
C ALA A 43 -3.86 29.96 3.01
N SER A 44 -4.20 31.08 2.34
CA SER A 44 -5.49 31.75 2.49
C SER A 44 -6.63 30.87 1.96
N HIS A 45 -6.40 30.20 0.81
CA HIS A 45 -7.35 29.29 0.14
C HIS A 45 -7.69 28.07 1.01
N PHE A 46 -6.66 27.47 1.68
CA PHE A 46 -6.89 26.33 2.55
C PHE A 46 -7.50 26.75 3.89
N GLY A 47 -7.16 27.95 4.36
CA GLY A 47 -7.63 28.50 5.62
C GLY A 47 -6.61 28.38 6.74
N MET A 48 -5.32 28.63 6.42
CA MET A 48 -4.21 28.59 7.38
C MET A 48 -3.26 29.78 7.25
N THR A 49 -2.40 29.99 8.26
CA THR A 49 -1.41 31.07 8.27
C THR A 49 -0.24 30.73 7.33
N LYS A 50 0.66 31.70 7.09
CA LYS A 50 1.85 31.54 6.24
C LYS A 50 2.78 30.44 6.80
N GLU A 51 2.97 30.40 8.14
CA GLU A 51 3.82 29.42 8.84
C GLU A 51 3.24 28.01 8.80
N GLU A 52 1.94 27.87 9.15
CA GLU A 52 1.18 26.61 9.13
C GLU A 52 1.28 25.94 7.74
N ALA A 53 1.22 26.76 6.67
CA ALA A 53 1.31 26.36 5.26
C ALA A 53 2.70 25.86 4.90
N GLN A 54 3.75 26.49 5.45
CA GLN A 54 5.17 26.12 5.22
C GLN A 54 5.47 24.74 5.81
N GLU A 55 4.76 24.40 6.90
CA GLU A 55 4.86 23.14 7.63
C GLU A 55 3.97 22.05 7.02
N ALA A 56 2.88 22.43 6.34
CA ALA A 56 1.92 21.52 5.72
C ALA A 56 2.39 20.96 4.36
N THR A 57 1.88 19.75 4.00
CA THR A 57 2.24 19.05 2.77
C THR A 57 0.99 18.69 1.97
N MET A 58 1.02 19.07 0.69
CA MET A 58 -0.01 18.81 -0.30
C MET A 58 0.17 17.38 -0.81
N HIS A 59 1.37 17.09 -1.27
CA HIS A 59 1.78 15.86 -1.89
C HIS A 59 3.25 15.63 -1.58
N ALA A 60 3.65 14.36 -1.39
CA ALA A 60 5.05 13.97 -1.14
C ALA A 60 5.33 12.54 -1.52
N GLU A 61 6.61 12.23 -1.67
CA GLU A 61 7.10 10.91 -1.98
C GLU A 61 8.50 10.67 -1.44
N PHE A 62 8.85 9.39 -1.21
CA PHE A 62 10.15 8.93 -0.73
C PHE A 62 10.36 7.48 -1.15
N GLU A 63 11.62 7.09 -1.35
CA GLU A 63 11.97 5.71 -1.71
C GLU A 63 12.67 5.03 -0.55
N VAL A 64 12.18 3.84 -0.20
CA VAL A 64 12.77 2.96 0.81
C VAL A 64 13.06 1.68 0.07
N LEU A 65 14.30 1.24 0.15
CA LEU A 65 14.75 0.01 -0.51
C LEU A 65 14.38 -0.04 -2.01
N GLY A 66 14.34 1.13 -2.65
CA GLY A 66 14.03 1.27 -4.07
C GLY A 66 12.57 1.20 -4.42
N VAL A 67 11.67 1.30 -3.42
CA VAL A 67 10.23 1.28 -3.67
C VAL A 67 9.67 2.61 -3.22
N LYS A 68 8.66 3.13 -3.94
CA LYS A 68 8.13 4.44 -3.69
C LYS A 68 6.87 4.42 -2.81
N VAL A 69 6.81 5.34 -1.84
CA VAL A 69 5.70 5.54 -0.92
C VAL A 69 5.23 6.98 -1.16
N LEU A 70 3.93 7.18 -1.33
CA LEU A 70 3.35 8.52 -1.52
C LEU A 70 2.67 8.90 -0.24
N CYS A 71 2.64 10.19 0.04
CA CYS A 71 1.96 10.66 1.24
C CYS A 71 1.48 12.07 1.07
N SER A 72 0.65 12.50 2.03
CA SER A 72 0.09 13.83 2.09
C SER A 72 -0.40 14.03 3.53
N ASP A 73 -0.71 15.27 3.90
CA ASP A 73 -1.21 15.56 5.25
C ASP A 73 -2.68 15.13 5.37
N SER A 74 -3.08 14.72 6.57
CA SER A 74 -4.44 14.29 6.86
C SER A 74 -5.41 15.44 6.76
N PHE A 75 -4.99 16.64 7.25
CA PHE A 75 -5.78 17.87 7.33
C PHE A 75 -7.07 17.58 8.12
N GLY A 76 -6.99 16.66 9.07
CA GLY A 76 -8.10 16.22 9.92
C GLY A 76 -9.19 15.45 9.20
N ARG A 77 -8.94 15.04 7.94
CA ARG A 77 -9.92 14.31 7.12
C ARG A 77 -9.75 12.79 7.16
N ALA A 78 -8.49 12.31 7.28
CA ALA A 78 -8.16 10.89 7.28
C ALA A 78 -8.16 10.24 8.65
N ASP A 79 -8.36 8.91 8.65
CA ASP A 79 -8.32 8.08 9.85
C ASP A 79 -6.87 7.90 10.27
N LYS A 80 -6.67 7.53 11.55
CA LYS A 80 -5.35 7.27 12.13
C LYS A 80 -4.75 6.02 11.47
N ILE A 81 -3.44 6.05 11.15
CA ILE A 81 -2.71 4.93 10.55
C ILE A 81 -2.72 3.70 11.50
N ASN A 82 -3.12 2.54 10.95
CA ASN A 82 -3.15 1.29 11.71
C ASN A 82 -2.49 0.15 10.91
N ASN A 83 -2.66 -1.12 11.35
CA ASN A 83 -2.05 -2.26 10.64
C ASN A 83 -3.05 -3.07 9.81
N GLY A 84 -4.17 -2.47 9.46
CA GLY A 84 -5.19 -3.11 8.63
C GLY A 84 -4.65 -3.38 7.22
N ILE A 85 -3.74 -2.49 6.75
CA ILE A 85 -3.04 -2.56 5.47
C ILE A 85 -1.57 -2.34 5.80
N SER A 86 -0.76 -3.38 5.59
CA SER A 86 0.66 -3.34 5.89
C SER A 86 1.40 -3.16 4.58
N LEU A 87 2.68 -2.78 4.65
CA LEU A 87 3.47 -2.58 3.44
C LEU A 87 4.49 -3.67 3.39
N LEU A 88 4.39 -4.57 2.40
CA LEU A 88 5.31 -5.67 2.27
C LEU A 88 6.33 -5.32 1.19
N ILE A 89 7.61 -5.48 1.50
CA ILE A 89 8.70 -5.23 0.56
C ILE A 89 9.26 -6.58 0.19
N ASP A 90 9.02 -6.97 -1.06
CA ASP A 90 9.40 -8.28 -1.56
C ASP A 90 10.69 -8.16 -2.38
N TYR A 91 11.63 -9.05 -2.15
CA TYR A 91 12.89 -8.99 -2.89
C TYR A 91 13.38 -10.42 -3.19
N ASP A 92 14.28 -10.55 -4.16
CA ASP A 92 14.83 -11.84 -4.56
C ASP A 92 16.12 -12.07 -3.76
N VAL A 93 16.16 -13.14 -2.93
CA VAL A 93 17.34 -13.46 -2.10
C VAL A 93 18.61 -13.74 -2.98
N ASN A 94 18.39 -13.97 -4.30
CA ASN A 94 19.41 -14.26 -5.31
C ASN A 94 19.83 -13.04 -6.15
N ASN A 95 19.40 -11.85 -5.72
CA ASN A 95 19.75 -10.55 -6.29
C ASN A 95 20.60 -9.93 -5.18
N LYS A 96 21.95 -10.06 -5.31
CA LYS A 96 22.93 -9.61 -4.31
C LYS A 96 22.82 -8.14 -3.95
N GLU A 97 22.64 -7.27 -4.95
CA GLU A 97 22.52 -5.83 -4.74
C GLU A 97 21.38 -5.52 -3.78
N ASP A 98 20.16 -6.01 -4.09
CA ASP A 98 18.97 -5.82 -3.25
C ASP A 98 19.08 -6.55 -1.92
N ALA A 99 19.52 -7.84 -1.93
CA ALA A 99 19.72 -8.64 -0.70
C ALA A 99 20.60 -7.91 0.32
N ASP A 100 21.73 -7.34 -0.13
CA ASP A 100 22.65 -6.56 0.72
C ASP A 100 22.03 -5.29 1.28
N LYS A 101 21.22 -4.61 0.46
CA LYS A 101 20.55 -3.38 0.89
C LYS A 101 19.53 -3.67 1.98
N VAL A 102 18.74 -4.76 1.80
CA VAL A 102 17.74 -5.19 2.79
C VAL A 102 18.46 -5.52 4.11
N GLU A 103 19.59 -6.24 4.03
CA GLU A 103 20.43 -6.62 5.17
C GLU A 103 20.90 -5.39 5.93
N ALA A 104 21.54 -4.45 5.19
CA ALA A 104 22.02 -3.18 5.78
C ALA A 104 20.90 -2.36 6.42
N PHE A 105 19.75 -2.24 5.71
CA PHE A 105 18.56 -1.52 6.18
C PHE A 105 18.08 -2.12 7.49
N TYR A 106 17.94 -3.46 7.55
CA TYR A 106 17.46 -4.09 8.77
C TYR A 106 18.45 -3.91 9.94
N GLU A 107 19.75 -4.07 9.64
CA GLU A 107 20.83 -3.92 10.63
C GLU A 107 20.73 -2.54 11.27
N GLN A 108 20.52 -1.50 10.44
CA GLN A 108 20.40 -0.13 10.87
C GLN A 108 19.10 0.16 11.62
N ILE A 109 18.01 -0.57 11.36
CA ILE A 109 16.72 -0.25 11.95
C ILE A 109 16.28 -1.10 13.15
N LYS A 110 16.73 -2.36 13.23
CA LYS A 110 16.32 -3.33 14.25
C LYS A 110 16.42 -2.89 15.73
N ASP A 111 17.39 -2.02 16.08
CA ASP A 111 17.60 -1.60 17.48
C ASP A 111 17.04 -0.24 17.83
N HIS A 112 16.49 0.48 16.82
CA HIS A 112 15.92 1.81 16.93
C HIS A 112 14.73 1.85 17.87
N SER A 113 14.73 2.82 18.78
CA SER A 113 13.69 2.99 19.80
C SER A 113 12.29 3.29 19.22
N SER A 114 12.21 3.82 17.99
CA SER A 114 10.92 4.09 17.33
C SER A 114 10.30 2.80 16.73
N ILE A 115 11.17 1.80 16.44
CA ILE A 115 10.79 0.52 15.84
C ILE A 115 10.34 -0.54 16.83
N GLU A 116 9.14 -1.07 16.60
CA GLU A 116 8.63 -2.17 17.39
C GLU A 116 8.72 -3.45 16.51
N ILE A 117 9.64 -4.36 16.86
CA ILE A 117 9.85 -5.63 16.14
C ILE A 117 8.75 -6.64 16.51
N GLU A 118 8.02 -7.14 15.49
CA GLU A 118 6.95 -8.12 15.62
C GLU A 118 7.55 -9.51 15.33
N LEU A 119 8.39 -9.60 14.28
CA LEU A 119 9.07 -10.82 13.90
C LEU A 119 10.45 -10.41 13.50
N PRO A 120 11.52 -10.79 14.25
CA PRO A 120 12.88 -10.41 13.85
C PRO A 120 13.16 -10.91 12.45
N PHE A 121 13.85 -10.10 11.65
CA PHE A 121 14.16 -10.50 10.27
C PHE A 121 15.08 -11.71 10.28
N ALA A 122 14.58 -12.84 9.74
CA ALA A 122 15.35 -14.10 9.71
C ALA A 122 14.89 -15.11 8.68
N ASP A 123 15.81 -16.04 8.33
CA ASP A 123 15.56 -17.17 7.43
C ASP A 123 14.42 -18.02 7.97
N GLN A 124 13.51 -18.44 7.09
CA GLN A 124 12.31 -19.21 7.45
C GLN A 124 12.49 -20.65 7.03
N PHE A 125 11.98 -21.58 7.84
CA PHE A 125 12.12 -23.02 7.59
C PHE A 125 11.86 -23.45 6.13
N TRP A 126 10.78 -22.97 5.51
CA TRP A 126 10.45 -23.39 4.14
C TRP A 126 11.13 -22.60 2.98
N GLY A 127 11.95 -21.62 3.33
CA GLY A 127 12.70 -20.83 2.35
C GLY A 127 12.53 -19.35 2.52
N GLY A 128 13.57 -18.63 2.09
CA GLY A 128 13.65 -17.17 2.14
C GLY A 128 13.79 -16.60 3.54
N LYS A 129 13.55 -15.28 3.66
CA LYS A 129 13.62 -14.51 4.89
C LYS A 129 12.31 -13.75 5.08
N MET A 130 11.94 -13.48 6.31
CA MET A 130 10.72 -12.75 6.65
C MET A 130 10.96 -12.01 7.97
N GLY A 131 10.55 -10.74 7.99
CA GLY A 131 10.66 -9.87 9.15
C GLY A 131 9.47 -8.96 9.17
N VAL A 132 9.00 -8.58 10.37
CA VAL A 132 7.81 -7.70 10.53
C VAL A 132 8.05 -6.71 11.67
N PHE A 133 7.69 -5.44 11.44
CA PHE A 133 7.84 -4.39 12.44
C PHE A 133 6.87 -3.23 12.18
N THR A 134 6.62 -2.45 13.20
CA THR A 134 5.78 -1.26 13.14
C THR A 134 6.62 -0.06 13.58
N ASP A 135 6.51 1.07 12.84
CA ASP A 135 7.23 2.31 13.12
C ASP A 135 6.45 3.22 14.06
N LYS A 136 7.02 4.37 14.46
CA LYS A 136 6.31 5.26 15.40
C LYS A 136 5.00 5.86 14.85
N TYR A 137 4.84 5.87 13.52
CA TYR A 137 3.65 6.41 12.89
C TYR A 137 2.55 5.36 12.76
N GLY A 138 2.88 4.11 13.10
CA GLY A 138 1.92 3.01 13.06
C GLY A 138 1.94 2.22 11.77
N VAL A 139 2.87 2.51 10.86
CA VAL A 139 2.96 1.78 9.61
C VAL A 139 3.60 0.41 9.92
N ARG A 140 2.94 -0.68 9.47
CA ARG A 140 3.43 -2.03 9.61
C ARG A 140 4.22 -2.41 8.34
N TRP A 141 5.52 -2.67 8.49
CA TRP A 141 6.38 -3.06 7.37
C TRP A 141 6.70 -4.57 7.47
N MET A 142 6.71 -5.27 6.32
CA MET A 142 7.02 -6.71 6.28
C MET A 142 8.14 -6.82 5.23
N LEU A 143 9.29 -7.43 5.57
CA LEU A 143 10.39 -7.59 4.60
C LEU A 143 10.33 -9.04 4.17
N HIS A 144 10.10 -9.27 2.92
CA HIS A 144 9.96 -10.61 2.43
C HIS A 144 10.95 -10.97 1.35
N GLY A 145 11.87 -11.86 1.69
CA GLY A 145 12.86 -12.38 0.76
C GLY A 145 12.48 -13.72 0.23
N GLN A 146 12.40 -13.86 -1.10
CA GLN A 146 12.01 -15.12 -1.75
C GLN A 146 13.06 -15.69 -2.70
N ASP A 147 13.05 -17.04 -2.84
CA ASP A 147 13.91 -17.74 -3.79
C ASP A 147 13.06 -17.99 -5.04
N TYR A 148 13.47 -17.41 -6.18
CA TYR A 148 12.74 -17.56 -7.42
C TYR A 148 13.44 -18.52 -8.39
N MET B 1 21.44 -15.73 -13.16
CA MET B 1 21.07 -15.18 -14.46
C MET B 1 19.74 -14.38 -14.43
N VAL B 2 18.62 -14.97 -14.00
CA VAL B 2 17.30 -14.28 -13.95
C VAL B 2 17.00 -13.89 -12.49
N PHE B 3 16.72 -12.60 -12.25
CA PHE B 3 16.38 -12.11 -10.92
C PHE B 3 15.20 -11.14 -10.97
N TYR B 4 14.43 -11.09 -9.86
CA TYR B 4 13.32 -10.16 -9.73
C TYR B 4 13.75 -8.90 -8.99
N MET B 5 13.14 -7.79 -9.36
CA MET B 5 13.46 -6.52 -8.71
C MET B 5 12.65 -6.39 -7.42
N THR B 6 13.12 -5.57 -6.51
CA THR B 6 12.39 -5.27 -5.28
C THR B 6 11.04 -4.62 -5.64
N ALA B 7 9.96 -5.06 -4.98
CA ALA B 7 8.62 -4.55 -5.25
C ALA B 7 7.87 -4.39 -3.92
N LEU B 8 6.96 -3.42 -3.87
CA LEU B 8 6.15 -3.20 -2.68
C LEU B 8 4.78 -3.69 -2.98
N PHE B 9 4.15 -4.39 -2.01
CA PHE B 9 2.79 -4.90 -2.14
C PHE B 9 1.98 -4.51 -0.92
N PRO B 10 0.73 -4.01 -1.05
CA PRO B 10 -0.08 -3.82 0.17
C PRO B 10 -0.44 -5.21 0.66
N TYR B 11 -0.54 -5.38 1.96
CA TYR B 11 -0.89 -6.64 2.55
C TYR B 11 -2.10 -6.32 3.44
N ILE B 12 -3.28 -6.76 3.01
CA ILE B 12 -4.52 -6.43 3.70
C ILE B 12 -4.98 -7.49 4.67
N ALA B 13 -5.40 -7.09 5.87
CA ALA B 13 -5.93 -8.04 6.82
C ALA B 13 -7.43 -7.93 6.78
N PHE B 14 -8.06 -8.87 6.06
CA PHE B 14 -9.52 -8.97 5.97
C PHE B 14 -10.05 -9.79 7.13
N GLU B 15 -11.32 -9.58 7.51
CA GLU B 15 -11.96 -10.39 8.56
C GLU B 15 -12.15 -11.79 7.99
N ASN B 16 -12.58 -11.85 6.71
CA ASN B 16 -12.75 -13.06 5.94
C ASN B 16 -12.25 -12.84 4.53
N SER B 17 -11.03 -13.31 4.21
CA SER B 17 -10.43 -13.14 2.88
C SER B 17 -11.13 -13.94 1.80
N LYS B 18 -11.78 -15.08 2.17
CA LYS B 18 -12.49 -15.92 1.20
C LYS B 18 -13.61 -15.13 0.50
N GLU B 19 -14.46 -14.47 1.32
CA GLU B 19 -15.54 -13.57 0.93
C GLU B 19 -14.96 -12.38 0.17
N ALA B 20 -13.93 -11.69 0.75
CA ALA B 20 -13.32 -10.51 0.13
C ALA B 20 -12.80 -10.81 -1.26
N LEU B 21 -12.15 -11.97 -1.45
CA LEU B 21 -11.64 -12.35 -2.77
C LEU B 21 -12.73 -12.53 -3.83
N ALA B 22 -13.90 -13.05 -3.41
CA ALA B 22 -15.07 -13.27 -4.30
C ALA B 22 -15.64 -11.92 -4.69
N TYR B 23 -15.73 -10.99 -3.71
CA TYR B 23 -16.13 -9.61 -3.91
C TYR B 23 -15.25 -8.87 -4.95
N TYR B 24 -13.91 -9.01 -4.87
CA TYR B 24 -13.03 -8.34 -5.82
C TYR B 24 -13.09 -8.97 -7.19
N GLU B 25 -13.32 -10.28 -7.23
CA GLU B 25 -13.48 -11.02 -8.49
C GLU B 25 -14.71 -10.54 -9.29
N GLU B 26 -15.81 -10.33 -8.56
CA GLU B 26 -17.13 -9.94 -9.06
C GLU B 26 -17.24 -8.43 -9.35
N VAL B 27 -17.01 -7.57 -8.32
CA VAL B 27 -17.14 -6.12 -8.43
C VAL B 27 -15.94 -5.44 -9.14
N PHE B 28 -14.69 -5.88 -8.88
CA PHE B 28 -13.51 -5.21 -9.44
C PHE B 28 -12.96 -5.86 -10.72
N GLY B 29 -13.46 -7.03 -11.07
CA GLY B 29 -12.93 -7.80 -12.19
C GLY B 29 -11.55 -8.33 -11.87
N ALA B 30 -11.30 -8.60 -10.55
CA ALA B 30 -9.99 -9.11 -10.12
C ALA B 30 -9.67 -10.48 -10.75
N THR B 31 -8.44 -10.62 -11.28
CA THR B 31 -7.92 -11.80 -11.95
C THR B 31 -6.80 -12.44 -11.11
N ASP B 32 -6.20 -13.56 -11.61
CA ASP B 32 -5.11 -14.32 -10.99
C ASP B 32 -5.29 -14.53 -9.47
N VAL B 33 -6.53 -14.80 -9.02
CA VAL B 33 -6.85 -15.04 -7.62
C VAL B 33 -6.24 -16.38 -7.16
N LYS B 34 -5.42 -16.32 -6.10
CA LYS B 34 -4.74 -17.47 -5.48
C LYS B 34 -5.07 -17.36 -4.00
N ARG B 35 -5.51 -18.48 -3.41
CA ARG B 35 -5.88 -18.53 -2.00
C ARG B 35 -5.29 -19.77 -1.34
N LEU B 36 -4.59 -19.58 -0.22
CA LEU B 36 -4.06 -20.68 0.57
C LEU B 36 -4.88 -20.72 1.84
N GLU B 37 -5.75 -21.71 1.94
CA GLU B 37 -6.61 -21.95 3.08
C GLU B 37 -5.82 -22.58 4.24
N VAL B 38 -6.41 -22.59 5.44
CA VAL B 38 -5.81 -23.27 6.58
C VAL B 38 -6.12 -24.77 6.31
N GLY B 39 -5.08 -25.58 6.18
CA GLY B 39 -5.23 -27.01 5.92
C GLY B 39 -5.92 -27.76 7.04
N GLU B 40 -6.57 -28.90 6.71
CA GLU B 40 -7.25 -29.80 7.67
C GLU B 40 -6.31 -30.18 8.84
N GLU B 41 -5.03 -30.49 8.52
CA GLU B 41 -4.00 -30.80 9.52
C GLU B 41 -3.72 -29.54 10.40
N GLN B 42 -3.58 -28.35 9.76
CA GLN B 42 -3.30 -27.07 10.40
C GLN B 42 -4.40 -26.60 11.33
N ALA B 43 -5.66 -27.05 11.10
CA ALA B 43 -6.84 -26.70 11.92
C ALA B 43 -6.59 -26.89 13.41
N SER B 44 -6.02 -28.06 13.81
CA SER B 44 -5.70 -28.38 15.20
C SER B 44 -4.61 -27.44 15.74
N HIS B 45 -3.56 -27.19 14.92
CA HIS B 45 -2.44 -26.29 15.24
C HIS B 45 -2.88 -24.84 15.47
N PHE B 46 -3.83 -24.36 14.63
CA PHE B 46 -4.44 -23.02 14.64
C PHE B 46 -5.55 -22.85 15.71
N GLY B 47 -6.05 -23.97 16.22
CA GLY B 47 -7.09 -24.03 17.25
C GLY B 47 -8.48 -23.82 16.71
N MET B 48 -8.78 -24.41 15.54
CA MET B 48 -10.10 -24.31 14.89
C MET B 48 -10.58 -25.66 14.37
N THR B 49 -11.89 -25.76 14.03
CA THR B 49 -12.50 -26.97 13.48
C THR B 49 -12.10 -27.14 12.00
N LYS B 50 -12.45 -28.30 11.40
CA LYS B 50 -12.18 -28.62 9.98
C LYS B 50 -12.88 -27.61 9.05
N GLU B 51 -14.14 -27.24 9.37
CA GLU B 51 -14.96 -26.30 8.59
C GLU B 51 -14.42 -24.87 8.66
N GLU B 52 -14.14 -24.38 9.90
CA GLU B 52 -13.59 -23.06 10.20
C GLU B 52 -12.28 -22.82 9.41
N ALA B 53 -11.42 -23.87 9.30
CA ALA B 53 -10.14 -23.90 8.59
C ALA B 53 -10.33 -23.85 7.08
N GLN B 54 -11.42 -24.46 6.56
CA GLN B 54 -11.73 -24.46 5.11
C GLN B 54 -12.14 -23.05 4.65
N GLU B 55 -12.79 -22.29 5.56
CA GLU B 55 -13.22 -20.91 5.33
C GLU B 55 -12.09 -19.89 5.54
N ALA B 56 -11.12 -20.21 6.44
CA ALA B 56 -10.00 -19.34 6.81
C ALA B 56 -8.92 -19.27 5.74
N THR B 57 -8.18 -18.14 5.69
CA THR B 57 -7.10 -17.91 4.72
C THR B 57 -5.80 -17.53 5.46
N MET B 58 -4.69 -18.18 5.08
CA MET B 58 -3.38 -17.92 5.67
C MET B 58 -2.64 -16.89 4.83
N HIS B 59 -2.80 -17.02 3.49
CA HIS B 59 -2.16 -16.15 2.52
C HIS B 59 -3.03 -16.15 1.26
N ALA B 60 -3.12 -14.99 0.58
CA ALA B 60 -3.85 -14.84 -0.67
C ALA B 60 -3.35 -13.67 -1.50
N GLU B 61 -3.69 -13.69 -2.78
CA GLU B 61 -3.37 -12.63 -3.72
C GLU B 61 -4.41 -12.53 -4.84
N PHE B 62 -4.50 -11.33 -5.46
CA PHE B 62 -5.38 -11.01 -6.58
C PHE B 62 -4.82 -9.82 -7.33
N GLU B 63 -5.11 -9.76 -8.63
CA GLU B 63 -4.68 -8.63 -9.45
C GLU B 63 -5.87 -7.78 -9.80
N VAL B 64 -5.71 -6.46 -9.71
CA VAL B 64 -6.68 -5.45 -10.13
C VAL B 64 -5.94 -4.49 -11.01
N LEU B 65 -6.43 -4.30 -12.25
CA LEU B 65 -5.80 -3.45 -13.24
C LEU B 65 -4.30 -3.76 -13.44
N GLY B 66 -3.94 -5.03 -13.29
CA GLY B 66 -2.57 -5.49 -13.46
C GLY B 66 -1.63 -5.23 -12.31
N VAL B 67 -2.17 -4.88 -11.13
CA VAL B 67 -1.35 -4.67 -9.94
C VAL B 67 -1.76 -5.72 -8.90
N LYS B 68 -0.80 -6.24 -8.12
CA LYS B 68 -1.05 -7.30 -7.16
C LYS B 68 -1.30 -6.75 -5.73
N VAL B 69 -2.31 -7.32 -5.07
CA VAL B 69 -2.69 -7.03 -3.70
C VAL B 69 -2.56 -8.35 -2.94
N LEU B 70 -1.90 -8.34 -1.77
CA LEU B 70 -1.77 -9.54 -0.94
C LEU B 70 -2.70 -9.38 0.23
N CYS B 71 -3.18 -10.49 0.75
CA CYS B 71 -4.06 -10.44 1.90
C CYS B 71 -3.99 -11.71 2.70
N SER B 72 -4.57 -11.67 3.90
CA SER B 72 -4.63 -12.79 4.83
C SER B 72 -5.74 -12.45 5.83
N ASP B 73 -6.18 -13.44 6.61
CA ASP B 73 -7.21 -13.21 7.61
C ASP B 73 -6.63 -12.49 8.82
N SER B 74 -7.45 -11.69 9.48
CA SER B 74 -7.06 -10.92 10.66
C SER B 74 -6.80 -11.84 11.84
N PHE B 75 -7.62 -12.90 11.98
CA PHE B 75 -7.58 -13.86 13.10
C PHE B 75 -7.68 -13.12 14.44
N GLY B 76 -8.41 -12.00 14.42
CA GLY B 76 -8.60 -11.11 15.57
C GLY B 76 -7.37 -10.38 16.05
N ARG B 77 -6.27 -10.40 15.26
CA ARG B 77 -5.00 -9.76 15.62
C ARG B 77 -4.82 -8.37 15.02
N ALA B 78 -5.31 -8.16 13.79
CA ALA B 78 -5.18 -6.90 13.07
C ALA B 78 -6.28 -5.89 13.35
N ASP B 79 -5.96 -4.62 13.12
CA ASP B 79 -6.85 -3.48 13.23
C ASP B 79 -7.82 -3.49 12.08
N LYS B 80 -8.98 -2.80 12.25
CA LYS B 80 -10.01 -2.65 11.21
C LYS B 80 -9.46 -1.80 10.07
N ILE B 81 -9.75 -2.19 8.81
CA ILE B 81 -9.31 -1.45 7.61
C ILE B 81 -9.87 -0.02 7.59
N ASN B 82 -9.00 0.97 7.41
CA ASN B 82 -9.40 2.38 7.32
C ASN B 82 -8.74 3.08 6.10
N ASN B 83 -8.78 4.42 6.04
CA ASN B 83 -8.20 5.17 4.91
C ASN B 83 -6.86 5.84 5.24
N GLY B 84 -6.17 5.38 6.29
CA GLY B 84 -4.87 5.92 6.70
C GLY B 84 -3.83 5.66 5.62
N ILE B 85 -3.95 4.50 4.97
CA ILE B 85 -3.12 4.05 3.83
C ILE B 85 -4.11 3.64 2.72
N SER B 86 -4.10 4.38 1.62
CA SER B 86 -4.97 4.17 0.48
C SER B 86 -4.14 3.50 -0.59
N LEU B 87 -4.79 2.92 -1.60
CA LEU B 87 -4.08 2.25 -2.67
C LEU B 87 -4.23 3.08 -3.90
N LEU B 88 -3.12 3.62 -4.41
CA LEU B 88 -3.14 4.43 -5.62
C LEU B 88 -2.68 3.60 -6.80
N ILE B 89 -3.52 3.57 -7.87
CA ILE B 89 -3.17 2.89 -9.11
C ILE B 89 -2.78 3.99 -10.09
N ASP B 90 -1.53 3.97 -10.52
CA ASP B 90 -0.94 4.94 -11.41
C ASP B 90 -0.81 4.37 -12.80
N TYR B 91 -1.19 5.16 -13.83
CA TYR B 91 -1.09 4.74 -15.22
C TYR B 91 -0.79 5.96 -16.11
N ASP B 92 -0.43 5.70 -17.37
CA ASP B 92 -0.17 6.74 -18.35
C ASP B 92 -1.47 7.02 -19.15
N VAL B 93 -1.87 8.29 -19.26
CA VAL B 93 -3.09 8.65 -20.01
C VAL B 93 -2.90 8.42 -21.50
N ASN B 94 -1.63 8.51 -21.95
CA ASN B 94 -1.17 8.39 -23.34
C ASN B 94 -0.75 6.94 -23.72
N ASN B 95 -1.11 5.96 -22.87
CA ASN B 95 -0.93 4.52 -23.11
C ASN B 95 -2.38 4.04 -23.26
N LYS B 96 -2.85 3.92 -24.51
CA LYS B 96 -4.23 3.60 -24.85
C LYS B 96 -4.74 2.30 -24.26
N GLU B 97 -3.91 1.25 -24.29
CA GLU B 97 -4.26 -0.05 -23.75
C GLU B 97 -4.65 0.06 -22.27
N ASP B 98 -3.74 0.63 -21.45
CA ASP B 98 -3.97 0.84 -20.02
C ASP B 98 -5.08 1.85 -19.73
N ALA B 99 -5.07 3.00 -20.45
CA ALA B 99 -6.09 4.04 -20.31
C ALA B 99 -7.49 3.47 -20.50
N ASP B 100 -7.71 2.63 -21.55
CA ASP B 100 -9.00 1.98 -21.83
C ASP B 100 -9.42 1.01 -20.73
N LYS B 101 -8.45 0.27 -20.17
CA LYS B 101 -8.73 -0.69 -19.10
C LYS B 101 -9.21 0.03 -17.83
N VAL B 102 -8.52 1.13 -17.48
CA VAL B 102 -8.87 1.96 -16.32
C VAL B 102 -10.29 2.52 -16.51
N GLU B 103 -10.57 3.04 -17.73
CA GLU B 103 -11.87 3.58 -18.13
C GLU B 103 -12.96 2.55 -17.97
N ALA B 104 -12.77 1.35 -18.58
CA ALA B 104 -13.73 0.23 -18.49
C ALA B 104 -13.96 -0.20 -17.04
N PHE B 105 -12.87 -0.36 -16.25
CA PHE B 105 -12.93 -0.71 -14.83
C PHE B 105 -13.79 0.29 -14.05
N TYR B 106 -13.51 1.60 -14.25
CA TYR B 106 -14.27 2.62 -13.53
C TYR B 106 -15.75 2.62 -13.93
N GLU B 107 -16.01 2.51 -15.25
CA GLU B 107 -17.36 2.47 -15.81
C GLU B 107 -18.16 1.34 -15.17
N GLN B 108 -17.54 0.16 -15.03
CA GLN B 108 -18.13 -1.02 -14.41
C GLN B 108 -18.33 -0.89 -12.89
N ILE B 109 -17.49 -0.08 -12.20
CA ILE B 109 -17.54 0.00 -10.74
C ILE B 109 -18.31 1.19 -10.15
N LYS B 110 -18.40 2.35 -10.86
CA LYS B 110 -18.96 3.62 -10.38
C LYS B 110 -20.34 3.54 -9.76
N ASP B 111 -21.22 2.68 -10.33
CA ASP B 111 -22.63 2.58 -9.94
C ASP B 111 -22.94 1.47 -8.95
N HIS B 112 -21.95 0.61 -8.64
CA HIS B 112 -22.15 -0.47 -7.68
C HIS B 112 -22.55 0.07 -6.31
N SER B 113 -23.43 -0.67 -5.64
CA SER B 113 -23.95 -0.34 -4.31
C SER B 113 -22.90 -0.43 -3.19
N SER B 114 -21.82 -1.23 -3.39
CA SER B 114 -20.76 -1.39 -2.39
C SER B 114 -19.77 -0.18 -2.41
N ILE B 115 -19.64 0.47 -3.59
CA ILE B 115 -18.73 1.57 -3.89
C ILE B 115 -19.22 2.95 -3.49
N GLU B 116 -18.44 3.64 -2.63
CA GLU B 116 -18.70 5.01 -2.22
C GLU B 116 -17.70 5.95 -2.95
N ILE B 117 -18.20 6.75 -3.91
CA ILE B 117 -17.39 7.70 -4.70
C ILE B 117 -17.04 8.93 -3.88
N GLU B 118 -15.74 9.21 -3.72
CA GLU B 118 -15.21 10.38 -3.02
C GLU B 118 -14.92 11.48 -4.06
N LEU B 119 -14.32 11.12 -5.18
CA LEU B 119 -14.00 12.03 -6.26
C LEU B 119 -14.31 11.26 -7.51
N PRO B 120 -15.33 11.68 -8.32
CA PRO B 120 -15.62 10.94 -9.57
C PRO B 120 -14.38 10.95 -10.46
N PHE B 121 -14.10 9.86 -11.17
CA PHE B 121 -12.91 9.79 -12.01
C PHE B 121 -12.99 10.82 -13.12
N ALA B 122 -12.13 11.86 -13.09
CA ALA B 122 -12.16 12.93 -14.12
C ALA B 122 -10.85 13.61 -14.37
N ASP B 123 -10.74 14.25 -15.56
CA ASP B 123 -9.61 15.07 -15.99
C ASP B 123 -9.41 16.24 -15.01
N GLN B 124 -8.15 16.52 -14.67
CA GLN B 124 -7.80 17.56 -13.70
C GLN B 124 -7.21 18.75 -14.42
N PHE B 125 -7.46 19.94 -13.88
CA PHE B 125 -7.02 21.20 -14.46
C PHE B 125 -5.55 21.21 -14.98
N TRP B 126 -4.59 20.73 -14.17
CA TRP B 126 -3.19 20.78 -14.56
C TRP B 126 -2.67 19.60 -15.40
N GLY B 127 -3.54 18.63 -15.69
CA GLY B 127 -3.22 17.47 -16.50
C GLY B 127 -3.58 16.15 -15.86
N GLY B 128 -3.80 15.15 -16.71
CA GLY B 128 -4.15 13.81 -16.29
C GLY B 128 -5.55 13.66 -15.73
N LYS B 129 -5.81 12.51 -15.09
CA LYS B 129 -7.09 12.14 -14.48
C LYS B 129 -6.86 11.67 -13.05
N MET B 130 -7.90 11.74 -12.22
CA MET B 130 -7.85 11.34 -10.82
C MET B 130 -9.27 10.98 -10.38
N GLY B 131 -9.39 9.87 -9.66
CA GLY B 131 -10.66 9.40 -9.10
C GLY B 131 -10.38 8.75 -7.77
N VAL B 132 -11.32 8.83 -6.81
CA VAL B 132 -11.14 8.31 -5.47
C VAL B 132 -12.45 7.67 -4.98
N PHE B 133 -12.36 6.45 -4.45
CA PHE B 133 -13.52 5.72 -3.93
C PHE B 133 -13.14 4.74 -2.84
N THR B 134 -14.10 4.40 -1.97
CA THR B 134 -13.94 3.42 -0.89
C THR B 134 -14.91 2.27 -1.15
N ASP B 135 -14.44 1.01 -0.96
CA ASP B 135 -15.21 -0.22 -1.12
C ASP B 135 -15.88 -0.64 0.18
N LYS B 136 -16.67 -1.73 0.17
CA LYS B 136 -17.40 -2.16 1.37
C LYS B 136 -16.48 -2.61 2.53
N TYR B 137 -15.23 -2.97 2.20
CA TYR B 137 -14.28 -3.42 3.22
C TYR B 137 -13.52 -2.25 3.83
N GLY B 138 -13.72 -1.05 3.29
CA GLY B 138 -13.08 0.15 3.80
C GLY B 138 -11.79 0.52 3.10
N VAL B 139 -11.44 -0.22 2.01
CA VAL B 139 -10.22 0.09 1.27
C VAL B 139 -10.51 1.33 0.42
N ARG B 140 -9.65 2.38 0.50
CA ARG B 140 -9.79 3.59 -0.30
C ARG B 140 -8.85 3.43 -1.49
N TRP B 141 -9.42 3.42 -2.70
CA TRP B 141 -8.69 3.30 -3.96
C TRP B 141 -8.61 4.66 -4.64
N MET B 142 -7.50 4.93 -5.31
CA MET B 142 -7.32 6.18 -6.05
C MET B 142 -6.84 5.76 -7.43
N LEU B 143 -7.47 6.32 -8.49
CA LEU B 143 -7.08 6.09 -9.89
C LEU B 143 -6.40 7.33 -10.32
N HIS B 144 -5.19 7.19 -10.85
CA HIS B 144 -4.41 8.34 -11.15
C HIS B 144 -3.71 8.24 -12.50
N GLY B 145 -4.22 9.02 -13.45
CA GLY B 145 -3.69 9.11 -14.80
C GLY B 145 -2.69 10.22 -14.91
N GLN B 146 -1.53 9.92 -15.47
CA GLN B 146 -0.48 10.91 -15.63
C GLN B 146 -0.22 11.23 -17.09
N ASP B 147 -0.01 12.51 -17.37
CA ASP B 147 0.36 13.02 -18.70
C ASP B 147 1.83 13.38 -18.60
N TYR B 148 2.68 12.79 -19.44
CA TYR B 148 4.11 13.08 -19.33
C TYR B 148 4.58 14.15 -20.36
N THR B 149 3.60 14.81 -21.04
CA THR B 149 3.82 15.93 -21.95
C THR B 149 4.14 17.15 -21.05
N ALA B 150 5.21 17.90 -21.40
CA ALA B 150 5.64 19.08 -20.65
C ALA B 150 4.58 20.20 -20.74
N ILE B 151 4.50 21.04 -19.68
CA ILE B 151 3.55 22.16 -19.57
C ILE B 151 3.91 23.23 -20.59
N GLN B 152 5.19 23.66 -20.58
CA GLN B 152 5.80 24.67 -21.45
C GLN B 152 5.63 24.36 -22.96
#